data_7WCU
#
_entry.id   7WCU
#
_cell.length_a   1.00
_cell.length_b   1.00
_cell.length_c   1.00
_cell.angle_alpha   90.00
_cell.angle_beta   90.00
_cell.angle_gamma   90.00
#
_symmetry.space_group_name_H-M   'P 1'
#
loop_
_entity.id
_entity.type
_entity.pdbx_description
1 polymer SWC11H
2 polymer SWC11L
3 polymer 'Surface glycoprotein'
#
loop_
_entity_poly.entity_id
_entity_poly.type
_entity_poly.pdbx_seq_one_letter_code
_entity_poly.pdbx_strand_id
1 'polypeptide(L)'
;EVQLVESGGGLIQPGGSLRLSCAASEFIVSRNYMSWVRQAPGTGLEWVSVIYPGGSTFYADSVKGRFTISRDNSKNTLYL
QMDSLRVEDTAVYYCARDYGDFYFDYWGQGTLVTVSSASTKGPSVFPLAPSSKSTSGGTAALGCLVKDYFPEPVTVSWNS
GALTSGVHTFPAVLQSSGLYSLSSVVTVPSSSLGTQTYICNVNHKPSNTKVDKKVEPKSCDK
;
A
2 'polypeptide(L)'
;EIVMTQSPVSLSVSPGERATLSCRASQGVASNLAWYQQKAGQAPRLLIYGASTRATGIPARFSGSGSGTEFTLTISTLQS
EDSAVYYCQQYNDRPRTFGQGTKLEIKRT
;
B
3 'polypeptide(L)'
;TNLCPFGEVFNATRFASVYAWNRKRISNCVADYSVLYNSASFSTFKCYGVSPTKLNDLCFTNVYADSFVIRGDEVRQIAP
GQTGKIADYNYKLPDDFTGCVIAWNSNNLDSKVGGNYNYRYRLFRKSNLKPFERDISTEIYQAGSKPCNGVEGFNCYFPL
QSYGFQPTNGVGYQPYRVVVLSFELLHAPATVCGPKKST
;
R
#
# COMPACT_ATOMS: atom_id res chain seq x y z
N GLU A 1 -25.73 4.76 4.34
CA GLU A 1 -25.32 5.67 5.41
C GLU A 1 -23.86 5.45 5.76
N VAL A 2 -22.98 6.21 5.13
CA VAL A 2 -21.55 6.10 5.33
C VAL A 2 -21.08 7.29 6.15
N GLN A 3 -20.63 7.03 7.38
CA GLN A 3 -20.15 8.09 8.25
C GLN A 3 -18.82 7.68 8.87
N LEU A 4 -18.05 8.69 9.25
CA LEU A 4 -16.82 8.53 10.02
C LEU A 4 -16.76 9.72 10.97
N VAL A 5 -17.29 9.56 12.17
CA VAL A 5 -17.40 10.64 13.13
C VAL A 5 -16.19 10.58 14.06
N GLU A 6 -15.46 11.67 14.15
CA GLU A 6 -14.20 11.73 14.87
C GLU A 6 -14.33 12.59 16.11
N SER A 7 -13.78 12.12 17.21
CA SER A 7 -13.85 12.85 18.47
C SER A 7 -12.54 12.69 19.21
N GLY A 8 -12.40 13.43 20.30
CA GLY A 8 -11.23 13.37 21.14
C GLY A 8 -10.22 14.45 20.88
N GLY A 9 -10.29 15.13 19.73
CA GLY A 9 -9.39 16.22 19.48
C GLY A 9 -9.75 17.44 20.30
N GLY A 10 -8.74 18.24 20.59
CA GLY A 10 -8.92 19.42 21.39
C GLY A 10 -7.58 19.90 21.89
N LEU A 11 -7.63 20.93 22.74
CA LEU A 11 -6.42 21.44 23.33
C LEU A 11 -5.87 20.43 24.33
N ILE A 12 -4.58 20.14 24.20
CA ILE A 12 -3.86 19.34 25.18
C ILE A 12 -2.52 20.03 25.35
N GLN A 13 -1.86 19.77 26.48
CA GLN A 13 -0.55 20.32 26.76
C GLN A 13 0.49 19.84 25.76
N PRO A 14 1.53 20.62 25.47
CA PRO A 14 2.64 20.08 24.70
C PRO A 14 3.64 19.28 25.52
N GLY A 15 3.67 17.97 25.23
CA GLY A 15 4.16 16.98 26.16
C GLY A 15 3.06 16.23 26.85
N GLY A 16 1.90 16.12 26.23
CA GLY A 16 0.76 15.46 26.79
C GLY A 16 0.36 14.23 26.02
N SER A 17 -0.88 13.81 26.21
CA SER A 17 -1.39 12.60 25.60
C SER A 17 -2.77 12.85 25.03
N LEU A 18 -3.08 12.18 23.93
CA LEU A 18 -4.41 12.23 23.36
C LEU A 18 -4.84 10.84 22.94
N ARG A 19 -6.15 10.63 22.94
CA ARG A 19 -6.76 9.34 22.59
C ARG A 19 -7.92 9.68 21.66
N LEU A 20 -7.61 9.82 20.38
CA LEU A 20 -8.57 10.23 19.38
C LEU A 20 -9.51 9.08 19.06
N SER A 21 -10.50 9.35 18.22
CA SER A 21 -11.49 8.34 17.92
C SER A 21 -12.01 8.54 16.51
N CYS A 22 -12.63 7.50 15.97
CA CYS A 22 -13.28 7.57 14.67
C CYS A 22 -14.35 6.49 14.66
N ALA A 23 -15.59 6.87 14.94
CA ALA A 23 -16.69 5.92 15.06
C ALA A 23 -17.29 5.72 13.67
N ALA A 24 -17.03 4.55 13.09
CA ALA A 24 -17.47 4.28 11.74
C ALA A 24 -18.94 3.88 11.69
N SER A 25 -19.46 3.81 10.48
CA SER A 25 -20.76 3.23 10.20
C SER A 25 -20.71 2.61 8.82
N GLU A 26 -21.38 1.46 8.68
CA GLU A 26 -21.65 0.70 7.46
C GLU A 26 -20.41 0.02 6.89
N PHE A 27 -19.24 0.30 7.46
CA PHE A 27 -18.10 -0.57 7.25
C PHE A 27 -17.35 -0.73 8.56
N ILE A 28 -16.88 -1.95 8.79
CA ILE A 28 -16.24 -2.30 10.04
C ILE A 28 -14.80 -1.83 9.98
N VAL A 29 -14.35 -1.15 11.05
CA VAL A 29 -12.96 -0.68 11.13
C VAL A 29 -12.00 -1.86 11.14
N SER A 30 -12.39 -2.96 11.80
CA SER A 30 -11.52 -4.09 12.06
C SER A 30 -11.09 -4.84 10.82
N ARG A 31 -11.77 -4.64 9.69
CA ARG A 31 -11.48 -5.40 8.49
C ARG A 31 -11.27 -4.50 7.28
N ASN A 32 -11.12 -3.19 7.51
CA ASN A 32 -10.82 -2.24 6.46
C ASN A 32 -9.48 -1.58 6.75
N TYR A 33 -8.81 -1.16 5.68
CA TYR A 33 -7.57 -0.42 5.79
C TYR A 33 -7.91 0.98 6.27
N MET A 34 -7.71 1.27 7.54
CA MET A 34 -8.03 2.59 8.05
C MET A 34 -6.74 3.36 8.27
N SER A 35 -6.82 4.67 8.17
CA SER A 35 -5.64 5.52 8.17
C SER A 35 -5.96 6.86 8.80
N TRP A 36 -4.93 7.52 9.30
CA TRP A 36 -5.05 8.85 9.86
C TRP A 36 -4.23 9.82 9.02
N VAL A 37 -4.85 10.92 8.62
CA VAL A 37 -4.23 11.96 7.82
C VAL A 37 -4.38 13.26 8.57
N ARG A 38 -3.31 14.03 8.68
CA ARG A 38 -3.38 15.32 9.33
C ARG A 38 -3.20 16.43 8.29
N GLN A 39 -3.90 17.53 8.51
CA GLN A 39 -3.81 18.70 7.65
C GLN A 39 -3.32 19.86 8.49
N ALA A 40 -2.10 20.25 8.29
CA ALA A 40 -1.62 21.37 9.07
C ALA A 40 -1.60 22.62 8.21
N PRO A 41 -2.02 23.77 8.74
CA PRO A 41 -1.99 25.01 7.95
C PRO A 41 -0.55 25.49 7.79
N GLY A 42 -0.24 25.97 6.59
CA GLY A 42 1.11 26.42 6.29
C GLY A 42 1.93 25.35 5.61
N THR A 43 1.82 24.12 6.07
CA THR A 43 2.45 22.99 5.41
C THR A 43 1.38 22.25 4.60
N GLY A 44 1.73 21.11 4.06
CA GLY A 44 0.80 20.36 3.25
C GLY A 44 -0.07 19.43 4.07
N LEU A 45 -1.05 18.86 3.39
CA LEU A 45 -1.84 17.76 3.93
C LEU A 45 -0.95 16.53 3.99
N GLU A 46 -0.85 15.91 5.17
CA GLU A 46 0.21 14.94 5.43
C GLU A 46 -0.35 13.66 6.04
N TRP A 47 0.11 12.53 5.54
CA TRP A 47 -0.29 11.23 6.05
C TRP A 47 0.42 10.93 7.36
N VAL A 48 -0.32 10.36 8.31
CA VAL A 48 0.21 10.04 9.63
C VAL A 48 0.42 8.54 9.80
N SER A 49 -0.64 7.76 9.66
CA SER A 49 -0.60 6.37 10.05
C SER A 49 -1.53 5.56 9.16
N VAL A 50 -1.47 4.24 9.33
CA VAL A 50 -2.38 3.33 8.64
C VAL A 50 -2.42 2.06 9.47
N ILE A 51 -3.56 1.37 9.44
CA ILE A 51 -3.69 0.05 10.04
C ILE A 51 -4.33 -0.86 9.00
N TYR A 52 -3.87 -2.09 8.93
CA TYR A 52 -4.34 -3.06 7.97
C TYR A 52 -5.48 -3.88 8.56
N PRO A 53 -6.25 -4.64 7.73
CA PRO A 53 -7.28 -5.50 8.29
C PRO A 53 -6.72 -6.59 9.19
N GLY A 54 -6.96 -6.42 10.48
CA GLY A 54 -6.30 -7.20 11.51
C GLY A 54 -4.86 -6.73 11.62
N GLY A 55 -4.06 -7.19 10.66
CA GLY A 55 -2.85 -6.57 10.16
C GLY A 55 -1.91 -5.85 11.08
N SER A 56 -1.43 -4.71 10.62
CA SER A 56 -0.24 -4.14 11.23
C SER A 56 -0.29 -2.62 11.16
N THR A 57 0.63 -1.97 11.86
CA THR A 57 0.61 -0.53 12.03
C THR A 57 1.84 0.06 11.39
N PHE A 58 1.66 1.05 10.54
CA PHE A 58 2.75 1.74 9.88
C PHE A 58 2.59 3.24 10.06
N TYR A 59 3.72 3.91 10.30
CA TYR A 59 3.68 5.31 10.70
C TYR A 59 4.66 6.12 9.86
N ALA A 60 4.42 7.42 9.81
CA ALA A 60 5.35 8.33 9.16
C ALA A 60 6.57 8.55 10.02
N ASP A 61 7.64 9.04 9.39
CA ASP A 61 8.90 9.23 10.10
C ASP A 61 8.84 10.39 11.07
N SER A 62 7.94 11.34 10.87
CA SER A 62 7.77 12.44 11.80
C SER A 62 6.91 12.07 13.00
N VAL A 63 6.23 10.93 12.96
CA VAL A 63 5.35 10.52 14.04
C VAL A 63 5.73 9.17 14.63
N LYS A 64 6.83 8.57 14.16
CA LYS A 64 7.14 7.19 14.52
C LYS A 64 7.67 7.11 15.94
N GLY A 65 7.09 6.23 16.73
CA GLY A 65 7.49 6.04 18.11
C GLY A 65 6.60 6.77 19.09
N ARG A 66 6.21 8.00 18.76
CA ARG A 66 5.36 8.78 19.64
C ARG A 66 3.88 8.54 19.40
N PHE A 67 3.50 8.14 18.19
CA PHE A 67 2.12 7.89 17.82
C PHE A 67 1.83 6.39 17.85
N THR A 68 0.54 6.06 17.95
CA THR A 68 0.13 4.66 18.00
C THR A 68 -1.31 4.56 17.50
N ILE A 69 -1.53 3.78 16.46
CA ILE A 69 -2.89 3.52 16.00
C ILE A 69 -3.36 2.21 16.60
N SER A 70 -4.57 2.21 17.17
CA SER A 70 -5.02 1.04 17.90
C SER A 70 -6.54 1.00 17.83
N ARG A 71 -7.06 0.25 16.88
CA ARG A 71 -8.50 0.11 16.74
C ARG A 71 -9.08 -0.70 17.89
N ASP A 72 -10.41 -0.68 18.00
CA ASP A 72 -11.15 -1.52 18.92
C ASP A 72 -12.10 -2.39 18.14
N ASN A 73 -12.22 -3.65 18.53
CA ASN A 73 -13.24 -4.51 17.95
C ASN A 73 -14.13 -5.04 19.06
N SER A 74 -15.02 -4.20 19.49
CA SER A 74 -16.35 -4.44 20.06
C SER A 74 -17.36 -3.53 19.38
N LYS A 75 -16.95 -2.31 19.07
CA LYS A 75 -17.65 -1.36 18.24
C LYS A 75 -16.64 -0.76 17.27
N ASN A 76 -17.14 -0.26 16.14
CA ASN A 76 -16.28 0.25 15.07
C ASN A 76 -15.65 1.55 15.54
N THR A 77 -14.48 1.49 16.14
CA THR A 77 -13.91 2.71 16.71
C THR A 77 -12.40 2.67 16.52
N LEU A 78 -11.92 3.45 15.57
CA LEU A 78 -10.49 3.55 15.29
C LEU A 78 -9.89 4.64 16.17
N TYR A 79 -8.82 4.31 16.89
CA TYR A 79 -8.22 5.27 17.79
C TYR A 79 -6.88 5.73 17.23
N LEU A 80 -6.29 6.68 17.94
CA LEU A 80 -4.92 7.10 17.64
C LEU A 80 -4.31 7.54 18.96
N GLN A 81 -3.56 6.63 19.59
CA GLN A 81 -2.86 7.02 20.80
C GLN A 81 -1.71 7.95 20.43
N MET A 82 -1.71 9.10 21.06
CA MET A 82 -1.02 10.27 20.56
C MET A 82 -0.24 10.85 21.73
N ASP A 83 0.98 10.38 21.91
CA ASP A 83 1.74 10.62 23.12
C ASP A 83 2.99 11.43 22.79
N SER A 84 3.48 12.16 23.80
CA SER A 84 4.65 13.05 23.71
C SER A 84 4.48 14.07 22.58
N LEU A 85 3.40 14.82 22.66
CA LEU A 85 3.01 15.72 21.59
C LEU A 85 3.88 16.97 21.57
N ARG A 86 4.31 17.36 20.37
CA ARG A 86 5.07 18.57 20.15
C ARG A 86 4.25 19.55 19.34
N VAL A 87 4.69 20.82 19.32
CA VAL A 87 3.89 21.91 18.77
C VAL A 87 3.80 21.90 17.25
N GLU A 88 4.54 21.04 16.57
CA GLU A 88 4.37 20.85 15.13
C GLU A 88 3.33 19.81 14.79
N ASP A 89 2.47 19.46 15.74
CA ASP A 89 1.34 18.57 15.50
C ASP A 89 0.02 19.31 15.54
N THR A 90 0.04 20.63 15.43
CA THR A 90 -1.18 21.43 15.35
C THR A 90 -1.81 21.21 13.99
N ALA A 91 -2.73 20.26 13.90
CA ALA A 91 -3.28 19.91 12.60
C ALA A 91 -4.68 19.34 12.79
N VAL A 92 -5.44 19.36 11.71
CA VAL A 92 -6.75 18.75 11.68
C VAL A 92 -6.54 17.28 11.35
N TYR A 93 -6.94 16.39 12.24
CA TYR A 93 -6.68 14.98 12.06
C TYR A 93 -7.91 14.31 11.48
N TYR A 94 -7.74 13.67 10.33
CA TYR A 94 -8.82 12.98 9.63
C TYR A 94 -8.59 11.49 9.74
N CYS A 95 -9.61 10.74 10.13
CA CYS A 95 -9.62 9.31 9.91
C CYS A 95 -10.14 9.07 8.51
N ALA A 96 -9.58 8.08 7.83
CA ALA A 96 -9.89 7.91 6.42
C ALA A 96 -9.81 6.44 6.05
N ARG A 97 -10.91 5.88 5.56
CA ARG A 97 -10.89 4.51 5.09
C ARG A 97 -10.16 4.43 3.77
N ASP A 98 -9.27 3.46 3.64
CA ASP A 98 -8.52 3.29 2.41
C ASP A 98 -9.05 2.10 1.62
N TYR A 99 -8.82 2.15 0.33
CA TYR A 99 -8.93 0.98 -0.53
C TYR A 99 -7.51 0.51 -0.74
N GLY A 100 -7.19 -0.67 -0.22
CA GLY A 100 -5.81 -1.11 -0.16
C GLY A 100 -5.06 -0.23 0.80
N ASP A 101 -3.76 -0.16 0.64
CA ASP A 101 -2.98 0.86 1.32
C ASP A 101 -2.64 1.88 0.24
N PHE A 102 -3.65 2.17 -0.58
CA PHE A 102 -3.49 3.06 -1.72
C PHE A 102 -4.04 4.47 -1.53
N TYR A 103 -5.35 4.62 -1.39
CA TYR A 103 -5.97 5.94 -1.46
C TYR A 103 -7.06 6.07 -0.43
N PHE A 104 -7.23 7.29 0.05
CA PHE A 104 -8.15 7.59 1.12
C PHE A 104 -9.49 7.82 0.45
N ASP A 105 -10.27 6.75 0.37
CA ASP A 105 -11.47 6.75 -0.45
C ASP A 105 -12.54 7.62 0.18
N TYR A 106 -12.79 7.42 1.47
CA TYR A 106 -13.74 8.22 2.21
C TYR A 106 -13.07 8.77 3.46
N TRP A 107 -13.48 9.97 3.83
CA TRP A 107 -12.81 10.72 4.89
C TRP A 107 -13.85 11.11 5.93
N GLY A 108 -13.41 11.20 7.16
CA GLY A 108 -14.26 11.78 8.18
C GLY A 108 -14.13 13.28 8.21
N GLN A 109 -14.99 13.91 9.00
CA GLN A 109 -15.06 15.37 9.01
C GLN A 109 -13.84 16.01 9.65
N GLY A 110 -13.05 15.25 10.40
CA GLY A 110 -11.82 15.78 10.97
C GLY A 110 -12.03 16.37 12.35
N THR A 111 -10.98 16.28 13.15
CA THR A 111 -10.98 16.90 14.46
C THR A 111 -9.64 17.60 14.66
N LEU A 112 -9.69 18.81 15.19
CA LEU A 112 -8.53 19.68 15.24
C LEU A 112 -7.84 19.51 16.57
N VAL A 113 -6.52 19.51 16.55
CA VAL A 113 -5.70 19.31 17.73
C VAL A 113 -4.77 20.51 17.85
N THR A 114 -4.82 21.20 18.98
CA THR A 114 -3.93 22.32 19.26
C THR A 114 -3.03 21.94 20.42
N VAL A 115 -1.72 22.09 20.22
CA VAL A 115 -0.73 21.75 21.23
C VAL A 115 0.15 22.98 21.49
N SER A 116 -0.24 23.77 22.50
CA SER A 116 0.53 24.95 22.85
C SER A 116 0.27 25.29 24.30
N SER A 117 0.86 26.38 24.75
CA SER A 117 0.86 26.78 26.16
C SER A 117 -0.17 27.87 26.40
N ALA A 118 -1.45 27.48 26.43
CA ALA A 118 -2.53 28.41 26.71
C ALA A 118 -3.69 27.65 27.33
N SER A 119 -4.77 28.36 27.60
CA SER A 119 -5.89 27.79 28.35
C SER A 119 -7.27 28.10 27.76
N GLU B 1 11.49 10.80 -0.16
CA GLU B 1 10.15 10.53 -0.65
C GLU B 1 9.81 11.43 -1.83
N ILE B 2 8.69 11.12 -2.49
CA ILE B 2 8.33 11.81 -3.72
C ILE B 2 7.71 13.15 -3.38
N VAL B 3 8.25 14.22 -3.95
CA VAL B 3 7.80 15.57 -3.68
C VAL B 3 6.97 16.02 -4.87
N MET B 4 5.66 16.15 -4.67
CA MET B 4 4.76 16.60 -5.71
C MET B 4 4.67 18.11 -5.77
N THR B 5 4.64 18.65 -6.98
CA THR B 5 4.66 20.08 -7.22
C THR B 5 3.47 20.39 -8.11
N GLN B 6 2.36 20.82 -7.53
CA GLN B 6 1.32 21.41 -8.35
C GLN B 6 1.78 22.77 -8.84
N SER B 7 2.01 22.86 -10.14
CA SER B 7 2.59 24.07 -10.73
C SER B 7 1.63 25.25 -10.82
N PRO B 8 0.37 25.13 -11.29
CA PRO B 8 -0.49 26.32 -11.22
C PRO B 8 -1.01 26.55 -9.82
N VAL B 9 -0.21 27.19 -8.95
CA VAL B 9 -0.43 27.19 -7.50
C VAL B 9 -1.73 27.90 -7.12
N SER B 10 -2.17 28.83 -7.98
CA SER B 10 -3.49 29.44 -7.87
C SER B 10 -3.94 29.77 -9.27
N LEU B 11 -5.15 29.39 -9.63
CA LEU B 11 -5.63 29.52 -11.00
C LEU B 11 -7.07 30.00 -10.96
N SER B 12 -7.32 31.17 -11.54
CA SER B 12 -8.64 31.81 -11.52
C SER B 12 -9.26 31.69 -12.90
N VAL B 13 -10.31 30.89 -13.03
CA VAL B 13 -10.86 30.54 -14.34
C VAL B 13 -12.32 30.99 -14.40
N SER B 14 -12.70 31.56 -15.54
CA SER B 14 -14.07 31.96 -15.85
C SER B 14 -14.99 30.74 -15.83
N PRO B 15 -16.30 30.89 -15.47
CA PRO B 15 -17.15 29.71 -15.27
C PRO B 15 -17.45 28.96 -16.56
N GLY B 16 -16.49 28.12 -16.92
CA GLY B 16 -16.49 27.32 -18.12
C GLY B 16 -15.38 27.80 -19.03
N GLU B 17 -14.22 27.17 -18.88
CA GLU B 17 -13.15 27.31 -19.84
C GLU B 17 -12.32 26.05 -19.96
N ARG B 18 -12.72 24.94 -19.32
CA ARG B 18 -11.95 23.69 -19.25
C ARG B 18 -10.58 23.92 -18.61
N ALA B 19 -10.63 24.20 -17.31
CA ALA B 19 -9.42 24.39 -16.51
C ALA B 19 -8.63 23.09 -16.40
N THR B 20 -7.31 23.24 -16.34
CA THR B 20 -6.39 22.12 -16.40
C THR B 20 -5.34 22.27 -15.30
N LEU B 21 -5.23 21.27 -14.43
CA LEU B 21 -4.36 21.34 -13.28
C LEU B 21 -3.35 20.20 -13.38
N SER B 22 -2.12 20.44 -12.90
CA SER B 22 -1.05 19.48 -13.10
C SER B 22 -0.20 19.35 -11.84
N CYS B 23 0.44 18.19 -11.68
CA CYS B 23 1.47 18.00 -10.67
C CYS B 23 2.50 17.00 -11.17
N ARG B 24 3.78 17.34 -10.99
CA ARG B 24 4.87 16.46 -11.36
C ARG B 24 5.42 15.77 -10.12
N ALA B 25 6.32 14.82 -10.35
CA ALA B 25 6.81 13.98 -9.27
C ALA B 25 8.34 13.99 -9.24
N SER B 26 8.89 13.71 -8.07
CA SER B 26 10.34 13.61 -7.92
C SER B 26 10.87 12.26 -8.36
N GLN B 27 9.99 11.26 -8.52
CA GLN B 27 10.39 9.92 -8.90
C GLN B 27 9.41 9.46 -9.96
N GLY B 28 9.30 8.16 -10.21
CA GLY B 28 8.33 7.66 -11.15
C GLY B 28 7.18 6.92 -10.49
N VAL B 29 5.95 7.35 -10.76
CA VAL B 29 4.76 6.66 -10.28
C VAL B 29 3.94 6.28 -11.51
N ALA B 30 3.72 4.97 -11.69
CA ALA B 30 3.42 4.40 -13.02
C ALA B 30 2.13 4.91 -13.63
N SER B 31 1.01 4.52 -13.06
CA SER B 31 -0.23 5.25 -13.17
C SER B 31 -0.63 5.68 -11.78
N ASN B 32 0.26 5.48 -10.83
CA ASN B 32 -0.04 5.59 -9.41
C ASN B 32 -0.06 7.04 -8.91
N LEU B 33 -1.18 7.70 -9.17
CA LEU B 33 -1.41 9.03 -8.60
C LEU B 33 -2.91 9.24 -8.42
N ALA B 34 -3.30 9.79 -7.28
CA ALA B 34 -4.68 10.09 -6.98
C ALA B 34 -4.94 11.58 -7.06
N TRP B 35 -6.21 11.98 -7.02
CA TRP B 35 -6.58 13.38 -6.94
C TRP B 35 -7.64 13.57 -5.85
N TYR B 36 -7.54 14.68 -5.14
CA TYR B 36 -8.45 14.99 -4.06
C TYR B 36 -8.97 16.41 -4.22
N GLN B 37 -10.21 16.65 -3.81
CA GLN B 37 -10.82 17.97 -3.85
C GLN B 37 -11.27 18.35 -2.46
N GLN B 38 -10.69 19.41 -1.91
CA GLN B 38 -11.04 19.86 -0.56
C GLN B 38 -11.74 21.20 -0.69
N LYS B 39 -13.05 21.21 -0.49
CA LYS B 39 -13.78 22.46 -0.46
C LYS B 39 -13.61 23.12 0.90
N ALA B 40 -14.18 24.32 1.04
CA ALA B 40 -13.95 25.12 2.23
C ALA B 40 -14.70 24.53 3.43
N GLY B 41 -13.95 24.21 4.48
CA GLY B 41 -14.53 23.60 5.66
C GLY B 41 -15.04 22.19 5.43
N GLN B 42 -14.34 21.40 4.63
CA GLN B 42 -14.78 20.04 4.34
C GLN B 42 -13.57 19.13 4.23
N ALA B 43 -13.83 17.84 4.41
CA ALA B 43 -12.80 16.85 4.19
C ALA B 43 -12.53 16.72 2.69
N PRO B 44 -11.29 16.40 2.30
CA PRO B 44 -10.98 16.32 0.87
C PRO B 44 -11.60 15.08 0.25
N ARG B 45 -12.62 15.29 -0.57
CA ARG B 45 -13.27 14.20 -1.26
C ARG B 45 -12.37 13.68 -2.35
N LEU B 46 -12.32 12.35 -2.51
CA LEU B 46 -11.53 11.73 -3.56
C LEU B 46 -12.16 12.00 -4.92
N LEU B 47 -11.34 12.40 -5.89
CA LEU B 47 -11.81 12.63 -7.25
C LEU B 47 -11.49 11.48 -8.18
N ILE B 48 -10.22 11.11 -8.29
CA ILE B 48 -9.72 10.22 -9.33
C ILE B 48 -8.65 9.34 -8.72
N TYR B 49 -8.80 8.04 -8.85
CA TYR B 49 -7.77 7.13 -8.38
C TYR B 49 -7.11 6.42 -9.55
N GLY B 50 -5.82 6.16 -9.40
CA GLY B 50 -5.06 5.55 -10.48
C GLY B 50 -4.83 6.46 -11.66
N ALA B 51 -4.96 7.77 -11.46
CA ALA B 51 -4.78 8.88 -12.40
C ALA B 51 -5.80 8.93 -13.52
N SER B 52 -6.73 7.98 -13.62
CA SER B 52 -7.67 8.00 -14.74
C SER B 52 -9.09 7.54 -14.41
N THR B 53 -9.44 7.26 -13.16
CA THR B 53 -10.70 6.62 -12.84
C THR B 53 -11.52 7.47 -11.89
N ARG B 54 -12.65 7.99 -12.37
CA ARG B 54 -13.57 8.74 -11.52
C ARG B 54 -14.33 7.77 -10.62
N ALA B 55 -14.17 7.94 -9.31
CA ALA B 55 -14.57 6.89 -8.37
C ALA B 55 -16.06 6.60 -8.26
N THR B 56 -16.82 7.49 -7.61
CA THR B 56 -18.22 7.24 -7.21
C THR B 56 -18.94 8.56 -6.99
N GLY B 57 -19.95 8.87 -7.80
CA GLY B 57 -20.59 10.17 -7.72
C GLY B 57 -19.79 11.29 -8.35
N ILE B 58 -18.62 10.99 -8.88
CA ILE B 58 -17.76 11.94 -9.55
C ILE B 58 -18.21 11.96 -11.00
N PRO B 59 -18.72 13.07 -11.50
CA PRO B 59 -19.23 13.11 -12.88
C PRO B 59 -18.10 13.10 -13.89
N ALA B 60 -18.48 13.01 -15.16
CA ALA B 60 -17.53 12.92 -16.26
C ALA B 60 -16.79 14.22 -16.55
N ARG B 61 -17.12 15.30 -15.83
CA ARG B 61 -16.45 16.57 -16.00
C ARG B 61 -14.98 16.50 -15.60
N PHE B 62 -14.69 15.81 -14.51
CA PHE B 62 -13.31 15.62 -14.07
C PHE B 62 -12.65 14.60 -14.98
N SER B 63 -11.52 14.96 -15.58
CA SER B 63 -10.95 14.14 -16.65
C SER B 63 -9.45 13.98 -16.48
N GLY B 64 -9.03 13.55 -15.30
CA GLY B 64 -7.61 13.36 -15.01
C GLY B 64 -6.90 12.34 -15.86
N SER B 65 -5.66 12.65 -16.24
CA SER B 65 -4.86 11.77 -17.09
C SER B 65 -3.39 11.85 -16.69
N GLY B 66 -2.51 11.34 -17.54
CA GLY B 66 -1.08 11.41 -17.32
C GLY B 66 -0.57 10.17 -16.60
N SER B 67 0.73 9.90 -16.80
CA SER B 67 1.33 8.70 -16.25
C SER B 67 2.84 8.88 -16.15
N GLY B 68 3.46 8.08 -15.29
CA GLY B 68 4.90 8.07 -15.11
C GLY B 68 5.43 9.14 -14.18
N THR B 69 5.56 10.36 -14.68
CA THR B 69 5.99 11.46 -13.85
C THR B 69 5.30 12.78 -14.17
N GLU B 70 4.38 12.82 -15.11
CA GLU B 70 3.68 14.03 -15.50
C GLU B 70 2.19 13.75 -15.49
N PHE B 71 1.44 14.57 -14.76
CA PHE B 71 0.06 14.26 -14.45
C PHE B 71 -0.80 15.49 -14.69
N THR B 72 -2.06 15.24 -15.01
CA THR B 72 -2.98 16.29 -15.42
C THR B 72 -4.33 16.01 -14.79
N LEU B 73 -5.00 17.06 -14.32
CA LEU B 73 -6.42 17.00 -13.98
C LEU B 73 -7.15 18.06 -14.78
N THR B 74 -8.25 17.66 -15.42
CA THR B 74 -8.99 18.54 -16.30
C THR B 74 -10.41 18.69 -15.77
N ILE B 75 -10.76 19.90 -15.34
CA ILE B 75 -12.11 20.19 -14.87
C ILE B 75 -12.86 20.78 -16.05
N SER B 76 -13.99 20.18 -16.42
CA SER B 76 -14.55 20.48 -17.74
C SER B 76 -15.35 21.78 -17.76
N THR B 77 -16.45 21.84 -17.02
CA THR B 77 -17.42 22.88 -17.28
C THR B 77 -17.51 23.96 -16.21
N LEU B 78 -16.96 23.73 -15.01
CA LEU B 78 -16.65 24.78 -14.02
C LEU B 78 -17.89 25.55 -13.56
N GLN B 79 -18.72 24.86 -12.78
CA GLN B 79 -19.73 25.57 -12.01
C GLN B 79 -19.07 26.36 -10.88
N SER B 80 -19.91 27.06 -10.12
CA SER B 80 -19.44 27.78 -8.94
C SER B 80 -19.00 26.82 -7.84
N GLU B 81 -19.53 25.60 -7.83
CA GLU B 81 -19.26 24.67 -6.75
C GLU B 81 -17.89 24.03 -6.85
N ASP B 82 -17.16 24.25 -7.94
CA ASP B 82 -15.85 23.64 -8.14
C ASP B 82 -14.72 24.42 -7.49
N SER B 83 -15.02 25.56 -6.87
CA SER B 83 -13.99 26.36 -6.23
C SER B 83 -13.52 25.64 -4.98
N ALA B 84 -12.35 25.01 -5.09
CA ALA B 84 -11.80 24.25 -3.98
C ALA B 84 -10.29 24.20 -4.14
N VAL B 85 -9.65 23.37 -3.32
CA VAL B 85 -8.22 23.15 -3.40
C VAL B 85 -8.00 21.71 -3.82
N TYR B 86 -7.23 21.50 -4.88
CA TYR B 86 -7.12 20.20 -5.53
C TYR B 86 -5.74 19.61 -5.27
N TYR B 87 -5.71 18.46 -4.61
CA TYR B 87 -4.47 17.82 -4.23
C TYR B 87 -4.19 16.61 -5.11
N CYS B 88 -2.95 16.14 -5.06
CA CYS B 88 -2.57 14.89 -5.68
C CYS B 88 -1.61 14.17 -4.76
N GLN B 89 -1.76 12.85 -4.65
CA GLN B 89 -0.81 12.05 -3.90
C GLN B 89 -0.27 10.94 -4.79
N GLN B 90 0.75 10.25 -4.29
CA GLN B 90 1.28 9.09 -4.97
C GLN B 90 0.91 7.83 -4.21
N TYR B 91 1.01 6.69 -4.87
CA TYR B 91 0.71 5.42 -4.24
C TYR B 91 1.96 4.61 -4.02
N ASN B 92 2.98 4.84 -4.84
CA ASN B 92 3.95 3.82 -5.19
C ASN B 92 4.93 3.54 -4.07
N ASP B 93 5.42 4.57 -3.43
CA ASP B 93 6.33 4.39 -2.31
C ASP B 93 5.68 4.88 -1.01
N ARG B 94 6.02 4.19 0.07
CA ARG B 94 5.58 4.60 1.40
C ARG B 94 6.62 5.57 1.92
N PRO B 95 6.24 6.76 2.41
CA PRO B 95 4.89 7.25 2.69
C PRO B 95 4.14 7.82 1.50
N ARG B 96 2.82 7.77 1.57
CA ARG B 96 1.95 8.45 0.62
C ARG B 96 2.04 9.94 0.86
N THR B 97 2.55 10.67 -0.13
CA THR B 97 2.83 12.09 0.03
C THR B 97 1.92 12.90 -0.87
N PHE B 98 1.24 13.87 -0.29
CA PHE B 98 0.35 14.75 -1.02
C PHE B 98 1.15 15.86 -1.67
N GLY B 99 0.52 16.54 -2.61
CA GLY B 99 1.05 17.75 -3.17
C GLY B 99 0.74 18.95 -2.31
N GLN B 100 1.11 20.12 -2.80
CA GLN B 100 0.80 21.35 -2.10
C GLN B 100 -0.59 21.86 -2.38
N GLY B 101 -1.31 21.25 -3.32
CA GLY B 101 -2.68 21.64 -3.59
C GLY B 101 -2.80 22.84 -4.50
N THR B 102 -3.76 22.80 -5.41
CA THR B 102 -4.03 23.89 -6.33
C THR B 102 -5.33 24.57 -5.93
N LYS B 103 -5.24 25.85 -5.58
CA LYS B 103 -6.44 26.61 -5.22
C LYS B 103 -7.07 27.14 -6.50
N LEU B 104 -8.19 26.56 -6.88
CA LEU B 104 -8.92 26.92 -8.09
C LEU B 104 -10.10 27.79 -7.70
N GLU B 105 -10.25 28.92 -8.37
CA GLU B 105 -11.38 29.79 -8.08
C GLU B 105 -12.09 30.18 -9.37
N ILE B 106 -13.40 30.41 -9.23
CA ILE B 106 -14.27 30.77 -10.34
C ILE B 106 -14.40 32.29 -10.35
N LYS B 107 -14.68 32.86 -11.52
CA LYS B 107 -14.80 34.31 -11.65
C LYS B 107 -16.23 34.74 -11.94
N ARG B 108 -16.69 35.77 -11.23
CA ARG B 108 -17.98 36.38 -11.49
C ARG B 108 -17.79 37.88 -11.74
N THR B 109 -18.88 38.64 -11.74
CA THR B 109 -18.81 40.04 -12.15
C THR B 109 -18.74 41.03 -10.99
N ASN C 2 22.30 -38.91 -8.40
CA ASN C 2 21.32 -37.98 -8.95
C ASN C 2 21.47 -36.61 -8.35
N LEU C 3 21.15 -35.59 -9.14
CA LEU C 3 21.17 -34.21 -8.69
C LEU C 3 19.74 -33.74 -8.42
N CYS C 4 19.57 -32.89 -7.43
CA CYS C 4 18.25 -32.35 -7.14
C CYS C 4 17.79 -31.42 -8.25
N PRO C 5 16.53 -31.48 -8.64
CA PRO C 5 16.07 -30.72 -9.82
C PRO C 5 15.83 -29.25 -9.50
N PHE C 6 16.92 -28.50 -9.29
CA PHE C 6 16.83 -27.06 -9.18
C PHE C 6 16.66 -26.39 -10.52
N GLY C 7 16.88 -27.13 -11.60
CA GLY C 7 16.90 -26.54 -12.93
C GLY C 7 15.54 -26.03 -13.37
N GLU C 8 14.48 -26.76 -13.06
CA GLU C 8 13.16 -26.25 -13.42
C GLU C 8 12.49 -25.50 -12.28
N VAL C 9 13.15 -25.38 -11.13
CA VAL C 9 12.71 -24.44 -10.11
C VAL C 9 13.23 -23.04 -10.40
N PHE C 10 14.52 -22.92 -10.70
CA PHE C 10 15.09 -21.59 -10.90
C PHE C 10 15.01 -21.13 -12.35
N ASN C 11 14.65 -22.00 -13.28
CA ASN C 11 14.53 -21.63 -14.68
C ASN C 11 13.22 -22.10 -15.30
N ALA C 12 12.14 -22.09 -14.53
CA ALA C 12 10.82 -22.35 -15.09
C ALA C 12 10.40 -21.20 -15.99
N THR C 13 9.64 -21.53 -17.03
CA THR C 13 9.24 -20.50 -17.99
C THR C 13 8.11 -19.62 -17.48
N ARG C 14 7.37 -20.07 -16.48
CA ARG C 14 6.23 -19.33 -15.95
C ARG C 14 6.10 -19.64 -14.47
N PHE C 15 6.42 -18.66 -13.63
CA PHE C 15 6.21 -18.86 -12.20
C PHE C 15 4.74 -18.66 -11.84
N ALA C 16 4.46 -18.77 -10.55
CA ALA C 16 3.13 -18.58 -10.02
C ALA C 16 3.04 -17.25 -9.31
N SER C 17 1.81 -16.80 -9.06
CA SER C 17 1.59 -15.56 -8.35
C SER C 17 1.94 -15.74 -6.87
N VAL C 18 1.97 -14.64 -6.15
CA VAL C 18 2.43 -14.71 -4.77
C VAL C 18 1.30 -15.14 -3.83
N TYR C 19 0.05 -14.85 -4.14
CA TYR C 19 -1.04 -15.39 -3.34
C TYR C 19 -1.17 -16.90 -3.53
N ALA C 20 -0.99 -17.37 -4.76
CA ALA C 20 -0.94 -18.79 -5.05
C ALA C 20 0.52 -19.21 -5.26
N TRP C 21 1.31 -19.16 -4.19
CA TRP C 21 2.72 -19.45 -4.33
C TRP C 21 2.97 -20.93 -4.57
N ASN C 22 3.79 -21.21 -5.56
CA ASN C 22 4.10 -22.57 -5.94
C ASN C 22 5.02 -23.20 -4.90
N ARG C 23 4.83 -24.49 -4.67
CA ARG C 23 5.65 -25.24 -3.74
C ARG C 23 6.03 -26.56 -4.38
N LYS C 24 7.32 -26.89 -4.35
CA LYS C 24 7.77 -28.20 -4.77
C LYS C 24 8.55 -28.84 -3.62
N ARG C 25 8.41 -30.15 -3.49
CA ARG C 25 9.12 -30.93 -2.51
C ARG C 25 10.38 -31.51 -3.12
N ILE C 26 11.49 -31.34 -2.43
CA ILE C 26 12.78 -31.85 -2.87
C ILE C 26 13.17 -32.98 -1.94
N SER C 27 13.23 -34.19 -2.47
CA SER C 27 13.47 -35.37 -1.66
C SER C 27 14.25 -36.40 -2.46
N ASN C 28 15.11 -37.14 -1.74
CA ASN C 28 15.86 -38.28 -2.26
C ASN C 28 16.78 -37.87 -3.42
N CYS C 29 17.63 -36.87 -3.17
CA CYS C 29 18.58 -36.44 -4.18
C CYS C 29 19.76 -35.76 -3.50
N VAL C 30 20.83 -35.60 -4.26
CA VAL C 30 22.01 -34.86 -3.85
C VAL C 30 21.88 -33.44 -4.37
N ALA C 31 22.01 -32.46 -3.49
CA ALA C 31 21.82 -31.06 -3.83
C ALA C 31 23.15 -30.34 -3.80
N ASP C 32 23.42 -29.57 -4.84
CA ASP C 32 24.58 -28.67 -4.84
C ASP C 32 23.99 -27.28 -4.65
N TYR C 33 24.58 -26.52 -3.73
CA TYR C 33 24.11 -25.18 -3.44
C TYR C 33 25.10 -24.10 -3.84
N SER C 34 26.38 -24.44 -4.03
CA SER C 34 27.33 -23.45 -4.50
C SER C 34 27.19 -23.20 -5.99
N VAL C 35 26.53 -24.09 -6.74
CA VAL C 35 26.14 -23.75 -8.10
C VAL C 35 25.05 -22.67 -8.08
N LEU C 36 24.20 -22.67 -7.04
CA LEU C 36 23.25 -21.59 -6.85
C LEU C 36 23.95 -20.34 -6.32
N TYR C 37 24.92 -20.54 -5.44
CA TYR C 37 25.56 -19.42 -4.76
C TYR C 37 26.46 -18.63 -5.70
N ASN C 38 27.22 -19.31 -6.55
CA ASN C 38 28.26 -18.67 -7.33
C ASN C 38 27.75 -18.12 -8.66
N SER C 39 26.46 -18.23 -8.92
CA SER C 39 25.89 -17.86 -10.22
C SER C 39 25.88 -16.36 -10.46
N ALA C 40 25.65 -15.57 -9.41
CA ALA C 40 25.63 -14.10 -9.43
C ALA C 40 24.57 -13.53 -10.37
N SER C 41 23.57 -14.32 -10.73
CA SER C 41 22.40 -13.82 -11.45
C SER C 41 21.30 -13.39 -10.50
N PHE C 42 21.54 -13.51 -9.19
CA PHE C 42 20.55 -13.18 -8.18
C PHE C 42 20.94 -11.90 -7.48
N SER C 43 20.00 -10.95 -7.43
CA SER C 43 20.23 -9.72 -6.70
C SER C 43 20.11 -9.91 -5.20
N THR C 44 19.32 -10.89 -4.75
CA THR C 44 19.08 -11.11 -3.34
C THR C 44 19.32 -12.58 -3.01
N PHE C 45 20.33 -12.83 -2.18
CA PHE C 45 20.62 -14.17 -1.67
C PHE C 45 21.31 -13.97 -0.32
N LYS C 46 20.52 -13.99 0.73
CA LYS C 46 21.03 -13.94 2.09
C LYS C 46 20.36 -15.05 2.88
N CYS C 47 21.10 -15.73 3.74
CA CYS C 47 20.57 -16.92 4.37
C CYS C 47 20.48 -16.80 5.87
N TYR C 48 19.36 -17.30 6.40
CA TYR C 48 19.04 -17.25 7.81
C TYR C 48 19.09 -18.67 8.38
N GLY C 49 19.85 -18.84 9.46
CA GLY C 49 19.95 -20.11 10.15
C GLY C 49 21.21 -20.89 9.82
N VAL C 50 21.72 -20.74 8.60
CA VAL C 50 22.93 -21.45 8.17
C VAL C 50 23.57 -20.67 7.03
N SER C 51 24.89 -20.56 7.08
CA SER C 51 25.64 -19.80 6.09
C SER C 51 25.59 -20.48 4.73
N PRO C 52 25.54 -19.70 3.64
CA PRO C 52 25.48 -20.30 2.30
C PRO C 52 26.68 -21.13 1.91
N THR C 53 27.87 -20.78 2.40
CA THR C 53 29.04 -21.58 2.09
C THR C 53 29.03 -22.92 2.80
N LYS C 54 28.45 -22.97 4.00
CA LYS C 54 28.54 -24.16 4.82
C LYS C 54 27.30 -25.02 4.77
N LEU C 55 26.27 -24.64 4.02
CA LEU C 55 25.08 -25.48 3.92
C LEU C 55 25.16 -26.47 2.78
N ASN C 56 26.28 -26.50 2.06
CA ASN C 56 26.52 -27.60 1.13
C ASN C 56 26.93 -28.87 1.85
N ASP C 57 27.42 -28.77 3.08
CA ASP C 57 27.93 -29.90 3.83
C ASP C 57 26.90 -30.50 4.78
N LEU C 58 25.64 -30.07 4.71
CA LEU C 58 24.63 -30.48 5.67
C LEU C 58 23.46 -31.18 4.98
N CYS C 59 22.78 -32.04 5.73
CA CYS C 59 21.74 -32.91 5.21
C CYS C 59 20.43 -32.70 5.96
N PHE C 60 19.32 -32.81 5.21
CA PHE C 60 17.98 -32.65 5.73
C PHE C 60 17.12 -33.79 5.23
N THR C 61 15.98 -34.03 5.90
CA THR C 61 15.07 -35.05 5.40
C THR C 61 14.37 -34.58 4.13
N ASN C 62 13.79 -33.39 4.17
CA ASN C 62 13.17 -32.83 2.98
C ASN C 62 13.35 -31.32 2.96
N VAL C 63 13.23 -30.77 1.75
CA VAL C 63 13.48 -29.37 1.48
C VAL C 63 12.36 -28.87 0.58
N TYR C 64 11.72 -27.78 0.98
CA TYR C 64 10.65 -27.20 0.18
C TYR C 64 11.18 -26.02 -0.61
N ALA C 65 10.93 -26.02 -1.91
CA ALA C 65 11.29 -24.92 -2.79
C ALA C 65 10.00 -24.17 -3.08
N ASP C 66 9.99 -22.88 -2.74
CA ASP C 66 8.76 -22.11 -2.75
C ASP C 66 8.98 -20.93 -3.69
N SER C 67 8.28 -20.93 -4.82
CA SER C 67 8.54 -19.96 -5.88
C SER C 67 7.31 -19.13 -6.18
N PHE C 68 7.53 -17.83 -6.38
CA PHE C 68 6.48 -16.89 -6.76
C PHE C 68 7.15 -15.68 -7.38
N VAL C 69 6.34 -14.68 -7.76
CA VAL C 69 6.81 -13.45 -8.36
C VAL C 69 6.21 -12.27 -7.62
N ILE C 70 7.07 -11.39 -7.10
CA ILE C 70 6.63 -10.17 -6.45
C ILE C 70 7.30 -8.98 -7.12
N ARG C 71 6.75 -7.81 -6.84
CA ARG C 71 7.39 -6.56 -7.21
C ARG C 71 8.70 -6.41 -6.44
N GLY C 72 9.65 -5.69 -7.04
CA GLY C 72 10.99 -5.65 -6.50
C GLY C 72 11.14 -4.86 -5.22
N ASP C 73 10.12 -4.10 -4.81
CA ASP C 73 10.24 -3.32 -3.59
C ASP C 73 10.09 -4.19 -2.36
N GLU C 74 9.27 -5.24 -2.42
CA GLU C 74 8.93 -6.01 -1.24
C GLU C 74 9.63 -7.37 -1.17
N VAL C 75 10.81 -7.50 -1.78
CA VAL C 75 11.68 -8.62 -1.45
C VAL C 75 12.17 -8.49 -0.01
N ARG C 76 12.14 -7.28 0.55
CA ARG C 76 12.39 -7.04 1.96
C ARG C 76 11.39 -7.76 2.85
N GLN C 77 10.15 -7.95 2.38
CA GLN C 77 9.13 -8.59 3.19
C GLN C 77 9.26 -10.11 3.25
N ILE C 78 10.09 -10.71 2.41
CA ILE C 78 10.31 -12.16 2.47
C ILE C 78 11.49 -12.35 3.43
N ALA C 79 11.16 -12.36 4.72
CA ALA C 79 12.13 -12.45 5.80
C ALA C 79 11.39 -12.89 7.05
N PRO C 80 12.10 -13.44 8.04
CA PRO C 80 11.44 -13.73 9.33
C PRO C 80 11.04 -12.45 10.02
N GLY C 81 9.78 -12.39 10.44
CA GLY C 81 9.27 -11.23 11.15
C GLY C 81 9.17 -9.99 10.30
N GLN C 82 8.31 -10.04 9.29
CA GLN C 82 8.06 -8.89 8.44
C GLN C 82 6.56 -8.68 8.30
N THR C 83 6.17 -7.44 8.08
CA THR C 83 4.78 -7.08 7.91
C THR C 83 4.60 -6.32 6.60
N GLY C 84 3.41 -6.43 6.05
CA GLY C 84 3.11 -5.86 4.76
C GLY C 84 1.95 -6.63 4.17
N LYS C 85 1.66 -6.35 2.90
CA LYS C 85 0.59 -7.08 2.23
C LYS C 85 1.02 -8.51 1.92
N ILE C 86 2.23 -8.66 1.38
CA ILE C 86 2.73 -9.96 0.97
C ILE C 86 3.15 -10.78 2.18
N ALA C 87 3.74 -10.14 3.18
CA ALA C 87 4.15 -10.88 4.36
C ALA C 87 2.98 -11.27 5.27
N ASP C 88 1.79 -10.77 5.04
CA ASP C 88 0.67 -11.08 5.92
C ASP C 88 -0.49 -11.74 5.23
N TYR C 89 -0.67 -11.52 3.94
CA TYR C 89 -1.83 -12.02 3.22
C TYR C 89 -1.46 -12.89 2.04
N ASN C 90 -0.18 -13.01 1.72
CA ASN C 90 0.25 -13.81 0.60
C ASN C 90 1.22 -14.91 1.01
N TYR C 91 2.27 -14.57 1.75
CA TYR C 91 3.30 -15.56 2.05
C TYR C 91 4.01 -15.15 3.34
N LYS C 92 3.80 -15.93 4.40
CA LYS C 92 4.36 -15.65 5.71
C LYS C 92 5.40 -16.70 6.04
N LEU C 93 6.55 -16.27 6.53
CA LEU C 93 7.65 -17.06 7.07
C LEU C 93 7.60 -17.05 8.58
N PRO C 94 7.84 -18.19 9.23
CA PRO C 94 7.88 -18.21 10.69
C PRO C 94 9.13 -17.53 11.20
N ASP C 95 9.09 -17.17 12.48
CA ASP C 95 10.21 -16.46 13.09
C ASP C 95 11.39 -17.41 13.28
N ASP C 96 11.12 -18.68 13.56
CA ASP C 96 12.16 -19.71 13.66
C ASP C 96 12.54 -20.31 12.31
N PHE C 97 12.84 -19.45 11.35
CA PHE C 97 12.99 -19.89 9.96
C PHE C 97 14.38 -20.48 9.75
N THR C 98 14.42 -21.76 9.41
CA THR C 98 15.63 -22.39 8.88
C THR C 98 15.35 -22.65 7.40
N GLY C 99 16.22 -22.09 6.56
CA GLY C 99 15.98 -22.05 5.14
C GLY C 99 16.42 -20.70 4.63
N CYS C 100 16.41 -20.51 3.31
CA CYS C 100 16.76 -19.19 2.80
C CYS C 100 16.16 -18.88 1.45
N VAL C 101 16.33 -17.61 1.06
CA VAL C 101 15.52 -16.93 0.07
C VAL C 101 16.41 -16.44 -1.06
N ILE C 102 16.02 -16.75 -2.29
CA ILE C 102 16.69 -16.29 -3.50
C ILE C 102 15.71 -15.42 -4.27
N ALA C 103 16.14 -14.22 -4.63
CA ALA C 103 15.33 -13.34 -5.45
C ALA C 103 16.19 -12.72 -6.55
N TRP C 104 15.68 -12.75 -7.78
CA TRP C 104 16.40 -12.13 -8.89
C TRP C 104 15.42 -11.38 -9.77
N ASN C 105 15.96 -10.40 -10.50
CA ASN C 105 15.15 -9.59 -11.39
C ASN C 105 14.66 -10.41 -12.57
N SER C 106 13.42 -10.17 -12.97
CA SER C 106 12.86 -10.77 -14.17
C SER C 106 12.08 -9.74 -14.95
N ASN C 107 12.66 -8.54 -15.10
CA ASN C 107 12.04 -7.53 -15.94
C ASN C 107 12.02 -7.94 -17.40
N ASN C 108 13.07 -8.62 -17.87
CA ASN C 108 13.16 -8.97 -19.27
C ASN C 108 12.20 -10.09 -19.66
N LEU C 109 11.63 -10.80 -18.71
CA LEU C 109 10.75 -11.91 -19.01
C LEU C 109 9.33 -11.70 -18.50
N ASP C 110 9.15 -11.30 -17.26
CA ASP C 110 7.85 -11.24 -16.65
C ASP C 110 7.16 -9.89 -16.82
N SER C 111 7.76 -8.97 -17.56
CA SER C 111 7.14 -7.67 -17.80
C SER C 111 7.12 -7.39 -19.29
N LYS C 112 5.94 -7.06 -19.80
CA LYS C 112 5.71 -6.78 -21.21
C LYS C 112 5.32 -5.32 -21.39
N VAL C 113 5.39 -4.85 -22.64
CA VAL C 113 5.00 -3.48 -22.95
C VAL C 113 3.49 -3.36 -22.88
N GLY C 114 3.01 -2.43 -22.05
CA GLY C 114 1.59 -2.24 -21.83
C GLY C 114 1.06 -2.88 -20.57
N GLY C 115 1.78 -3.83 -19.99
CA GLY C 115 1.35 -4.42 -18.73
C GLY C 115 1.16 -5.92 -18.74
N ASN C 116 2.02 -6.63 -18.01
CA ASN C 116 1.84 -8.06 -17.76
C ASN C 116 1.03 -8.17 -16.47
N TYR C 117 -0.28 -8.30 -16.62
CA TYR C 117 -1.21 -8.24 -15.51
C TYR C 117 -1.56 -9.62 -14.95
N ASN C 118 -0.81 -10.65 -15.31
CA ASN C 118 -1.15 -12.00 -14.86
C ASN C 118 -0.86 -12.17 -13.37
N TYR C 119 0.25 -11.61 -12.89
CA TYR C 119 0.63 -11.78 -11.50
C TYR C 119 -0.28 -10.97 -10.60
N ARG C 120 -0.80 -11.62 -9.56
CA ARG C 120 -1.73 -11.00 -8.63
C ARG C 120 -1.23 -11.22 -7.21
N TYR C 121 -1.69 -10.37 -6.31
CA TYR C 121 -1.42 -10.55 -4.89
C TYR C 121 -2.71 -10.33 -4.12
N ARG C 122 -2.79 -10.97 -2.96
CA ARG C 122 -3.98 -10.83 -2.14
C ARG C 122 -3.94 -9.50 -1.41
N LEU C 123 -4.92 -8.66 -1.68
CA LEU C 123 -4.94 -7.31 -1.14
C LEU C 123 -5.77 -7.20 0.12
N PHE C 124 -6.96 -7.81 0.11
CA PHE C 124 -7.86 -7.81 1.25
C PHE C 124 -7.91 -9.20 1.84
N ARG C 125 -7.69 -9.30 3.14
CA ARG C 125 -7.87 -10.56 3.83
C ARG C 125 -8.28 -10.25 5.26
N LYS C 126 -9.09 -11.15 5.83
CA LYS C 126 -9.68 -10.90 7.13
C LYS C 126 -8.66 -10.92 8.26
N SER C 127 -7.56 -11.65 8.09
CA SER C 127 -6.59 -11.84 9.15
C SER C 127 -5.24 -12.16 8.53
N ASN C 128 -4.20 -12.06 9.36
CA ASN C 128 -2.85 -12.38 8.93
C ASN C 128 -2.71 -13.87 8.66
N LEU C 129 -1.84 -14.20 7.70
CA LEU C 129 -1.58 -15.59 7.40
C LEU C 129 -0.75 -16.26 8.49
N LYS C 130 -1.03 -17.52 8.74
CA LYS C 130 -0.10 -18.35 9.46
C LYS C 130 1.12 -18.62 8.58
N PRO C 131 2.28 -18.93 9.17
CA PRO C 131 3.46 -19.26 8.36
C PRO C 131 3.24 -20.47 7.46
N PHE C 132 3.68 -20.32 6.21
CA PHE C 132 3.54 -21.32 5.14
C PHE C 132 2.08 -21.71 4.92
N GLU C 133 1.20 -20.73 4.81
CA GLU C 133 -0.21 -20.97 4.58
C GLU C 133 -0.56 -20.42 3.20
N ARG C 134 -1.42 -21.13 2.49
CA ARG C 134 -1.78 -20.83 1.09
C ARG C 134 -3.27 -20.53 1.03
N ASP C 135 -3.63 -19.39 0.45
CA ASP C 135 -5.02 -19.02 0.29
C ASP C 135 -5.25 -18.72 -1.18
N ILE C 136 -6.38 -19.21 -1.71
CA ILE C 136 -6.73 -19.10 -3.11
C ILE C 136 -8.05 -18.34 -3.24
N SER C 137 -8.86 -18.40 -2.18
CA SER C 137 -10.31 -18.22 -2.27
C SER C 137 -10.70 -16.83 -2.76
N THR C 138 -11.41 -16.80 -3.90
CA THR C 138 -11.82 -15.57 -4.53
C THR C 138 -13.25 -15.19 -4.15
N GLU C 139 -13.63 -15.48 -2.92
CA GLU C 139 -14.87 -14.95 -2.38
C GLU C 139 -14.76 -13.44 -2.27
N ILE C 140 -15.87 -12.76 -2.53
CA ILE C 140 -15.89 -11.30 -2.52
C ILE C 140 -15.72 -10.81 -1.09
N TYR C 141 -14.71 -9.96 -0.89
CA TYR C 141 -14.37 -9.49 0.45
C TYR C 141 -15.47 -8.61 1.01
N GLN C 142 -15.65 -8.69 2.32
CA GLN C 142 -16.71 -7.95 3.01
C GLN C 142 -16.07 -6.77 3.72
N ALA C 143 -15.95 -5.67 2.98
CA ALA C 143 -15.43 -4.45 3.58
C ALA C 143 -16.44 -3.84 4.53
N GLY C 144 -17.72 -4.06 4.29
CA GLY C 144 -18.79 -3.44 5.06
C GLY C 144 -19.62 -4.48 5.78
N SER C 145 -20.86 -4.08 6.08
CA SER C 145 -21.83 -4.92 6.77
C SER C 145 -23.07 -4.98 5.89
N LYS C 146 -23.06 -5.91 4.94
CA LYS C 146 -24.08 -6.05 3.93
C LYS C 146 -23.88 -7.39 3.26
N PRO C 147 -24.95 -8.09 2.89
CA PRO C 147 -24.74 -9.30 2.09
C PRO C 147 -24.29 -8.99 0.67
N CYS C 148 -23.00 -9.21 0.41
CA CYS C 148 -22.48 -8.93 -0.93
C CYS C 148 -22.94 -9.96 -1.94
N ASN C 149 -23.06 -11.23 -1.50
CA ASN C 149 -23.65 -12.33 -2.27
C ASN C 149 -22.91 -12.56 -3.60
N GLY C 150 -21.59 -12.43 -3.57
CA GLY C 150 -20.76 -12.77 -4.69
C GLY C 150 -20.67 -11.73 -5.79
N VAL C 151 -21.37 -10.61 -5.67
CA VAL C 151 -21.27 -9.54 -6.66
C VAL C 151 -20.64 -8.32 -6.00
N GLU C 152 -19.80 -7.63 -6.76
CA GLU C 152 -19.00 -6.54 -6.23
C GLU C 152 -19.84 -5.27 -6.14
N GLY C 153 -19.18 -4.17 -5.88
CA GLY C 153 -19.84 -2.90 -5.75
C GLY C 153 -19.17 -2.10 -4.66
N PHE C 154 -19.95 -1.24 -4.01
CA PHE C 154 -19.43 -0.47 -2.90
C PHE C 154 -19.27 -1.38 -1.69
N ASN C 155 -18.07 -1.35 -1.09
CA ASN C 155 -17.67 -2.16 0.06
C ASN C 155 -17.80 -3.67 -0.18
N CYS C 156 -17.67 -4.11 -1.43
CA CYS C 156 -17.62 -5.53 -1.78
C CYS C 156 -16.53 -5.65 -2.85
N TYR C 157 -15.32 -5.99 -2.44
CA TYR C 157 -14.16 -5.91 -3.31
C TYR C 157 -13.65 -7.30 -3.64
N PHE C 158 -13.16 -7.46 -4.85
CA PHE C 158 -12.38 -8.63 -5.18
C PHE C 158 -11.05 -8.55 -4.42
N PRO C 159 -10.67 -9.60 -3.69
CA PRO C 159 -9.53 -9.48 -2.77
C PRO C 159 -8.18 -9.55 -3.44
N LEU C 160 -8.12 -9.72 -4.75
CA LEU C 160 -6.86 -9.94 -5.45
C LEU C 160 -6.54 -8.72 -6.30
N GLN C 161 -5.58 -7.93 -5.86
CA GLN C 161 -5.06 -6.86 -6.69
C GLN C 161 -4.05 -7.43 -7.66
N SER C 162 -4.06 -6.94 -8.88
CA SER C 162 -3.17 -7.43 -9.93
C SER C 162 -1.93 -6.55 -10.01
N TYR C 163 -0.78 -7.19 -10.16
CA TYR C 163 0.47 -6.46 -10.36
C TYR C 163 0.49 -5.81 -11.74
N GLY C 164 1.02 -4.60 -11.81
CA GLY C 164 1.22 -3.94 -13.08
C GLY C 164 2.68 -3.80 -13.42
N PHE C 165 3.15 -4.55 -14.40
CA PHE C 165 4.58 -4.66 -14.70
C PHE C 165 4.88 -4.01 -16.04
N GLN C 166 5.87 -3.13 -16.06
CA GLN C 166 6.28 -2.40 -17.24
C GLN C 166 7.78 -2.52 -17.44
N PRO C 167 8.25 -2.43 -18.68
CA PRO C 167 9.69 -2.41 -18.93
C PRO C 167 10.31 -1.02 -18.79
N THR C 168 9.50 0.01 -18.55
CA THR C 168 9.98 1.38 -18.48
C THR C 168 10.01 1.92 -17.07
N ASN C 169 9.26 1.32 -16.15
CA ASN C 169 9.17 1.83 -14.79
C ASN C 169 10.42 1.46 -13.99
N GLY C 170 10.39 1.80 -12.70
CA GLY C 170 11.59 1.73 -11.89
C GLY C 170 12.00 0.31 -11.57
N VAL C 171 13.23 0.19 -11.06
CA VAL C 171 13.82 -1.11 -10.77
C VAL C 171 13.07 -1.81 -9.65
N GLY C 172 12.64 -1.06 -8.64
CA GLY C 172 11.87 -1.64 -7.57
C GLY C 172 10.43 -1.90 -7.90
N TYR C 173 10.00 -1.51 -9.09
CA TYR C 173 8.64 -1.71 -9.54
C TYR C 173 8.61 -2.74 -10.67
N GLN C 174 9.71 -3.46 -10.82
CA GLN C 174 9.92 -4.48 -11.83
C GLN C 174 9.73 -5.85 -11.21
N PRO C 175 9.28 -6.84 -11.99
CA PRO C 175 8.93 -8.14 -11.40
C PRO C 175 10.15 -8.93 -10.96
N TYR C 176 10.18 -9.26 -9.67
CA TYR C 176 11.26 -10.03 -9.10
C TYR C 176 10.76 -11.44 -8.83
N ARG C 177 11.35 -12.41 -9.51
CA ARG C 177 11.09 -13.81 -9.20
C ARG C 177 11.79 -14.15 -7.89
N VAL C 178 11.07 -14.85 -7.01
CA VAL C 178 11.58 -15.19 -5.68
C VAL C 178 11.45 -16.69 -5.50
N VAL C 179 12.53 -17.34 -5.11
CA VAL C 179 12.50 -18.74 -4.71
C VAL C 179 12.91 -18.81 -3.25
N VAL C 180 12.06 -19.41 -2.42
CA VAL C 180 12.29 -19.54 -1.00
C VAL C 180 12.55 -21.00 -0.69
N LEU C 181 13.70 -21.30 -0.12
CA LEU C 181 14.05 -22.66 0.25
C LEU C 181 13.81 -22.85 1.74
N SER C 182 13.30 -24.01 2.11
CA SER C 182 13.08 -24.36 3.50
C SER C 182 13.83 -25.64 3.81
N PHE C 183 14.28 -25.77 5.06
CA PHE C 183 14.96 -26.97 5.50
C PHE C 183 14.20 -27.57 6.68
N GLU C 184 14.19 -28.89 6.78
CA GLU C 184 13.52 -29.53 7.91
C GLU C 184 14.45 -29.43 9.12
N ALA C 190 16.74 -38.55 6.96
CA ALA C 190 17.74 -37.69 6.31
C ALA C 190 18.02 -38.17 4.90
N THR C 191 17.28 -37.62 3.93
CA THR C 191 17.38 -38.06 2.55
C THR C 191 18.05 -37.06 1.63
N VAL C 192 18.01 -35.75 1.94
CA VAL C 192 18.52 -34.72 1.05
C VAL C 192 19.83 -34.17 1.59
N CYS C 193 20.94 -34.70 1.12
CA CYS C 193 22.25 -34.27 1.58
C CYS C 193 23.00 -33.61 0.43
N GLY C 194 24.25 -33.24 0.70
CA GLY C 194 25.08 -32.61 -0.30
C GLY C 194 26.08 -33.53 -0.98
#